data_5NS1
#
_entry.id   5NS1
#
_cell.length_a   99.350
_cell.length_b   99.350
_cell.length_c   107.370
_cell.angle_alpha   90.00
_cell.angle_beta   90.00
_cell.angle_gamma   120.00
#
_symmetry.space_group_name_H-M   'P 32 2 1'
#
loop_
_entity.id
_entity.type
_entity.pdbx_description
1 polymer 'Dipeptidase gliJ'
2 non-polymer 'NICKEL (II) ION'
3 non-polymer 'CHLORIDE ION'
4 water water
#
_entity_poly.entity_id   1
_entity_poly.type   'polypeptide(L)'
_entity_poly.pdbx_seq_one_letter_code
;MSGSHHHHHHSGSMSPSPIEEQATRLLKEVPLIDGHNDFPYMIRGWFRNDINGQDAHLYDMPIGQTDLQRLQKGLLGGQF
WSAFVPCPKNPDKEVGSLEALRQTLQQLDVIHRLIERHPTILQFADSAASIWSSFRAGRVASLIGIEGLHQIADSVSALR
MLHRLGVRYVTLTHNCHNAFADAATVSPELHGGLSRKGERLIRELNRMGMMIDLSHTSHEAQTQALRLSRAPVIYSHSSI
YSLRAHARNVTDENLHLLHRNRGVVMICFLRELLASEADQATLAHVIDHIIYAGTRIGYEHVGIGSDFDGMLRGPDGLHD
VSCYPALVAGLLERGVSEEDVKRVMGLNVIRVLEEVERVAAELQGAGEECLCDELDEVWNEDIKEQLTRERERVRKLGPQ
K
;
_entity_poly.pdbx_strand_id   A
#
loop_
_chem_comp.id
_chem_comp.type
_chem_comp.name
_chem_comp.formula
CL non-polymer 'CHLORIDE ION' 'Cl -1'
NI non-polymer 'NICKEL (II) ION' 'Ni 2'
#
# COMPACT_ATOMS: atom_id res chain seq x y z
N SER A 17 -17.23 30.07 4.58
CA SER A 17 -18.22 29.01 4.99
C SER A 17 -17.81 28.36 6.33
N PRO A 18 -18.80 28.05 7.21
CA PRO A 18 -18.43 27.39 8.47
C PRO A 18 -18.01 25.91 8.31
N ILE A 19 -18.48 25.24 7.26
CA ILE A 19 -18.14 23.85 7.00
C ILE A 19 -16.72 23.70 6.42
N GLU A 20 -16.29 24.69 5.63
CA GLU A 20 -14.93 24.71 5.07
C GLU A 20 -13.86 24.95 6.13
N GLU A 21 -14.14 25.86 7.06
CA GLU A 21 -13.26 26.12 8.21
C GLU A 21 -13.20 24.92 9.19
N GLN A 22 -14.31 24.18 9.28
CA GLN A 22 -14.36 22.93 10.05
C GLN A 22 -13.46 21.86 9.42
N ALA A 23 -13.53 21.77 8.09
CA ALA A 23 -12.67 20.84 7.33
C ALA A 23 -11.19 21.20 7.41
N THR A 24 -10.89 22.49 7.31
CA THR A 24 -9.51 23.00 7.43
C THR A 24 -8.94 22.78 8.83
N ARG A 25 -9.77 22.98 9.86
CA ARG A 25 -9.39 22.72 11.24
C ARG A 25 -9.08 21.24 11.47
N LEU A 26 -9.97 20.37 10.98
CA LEU A 26 -9.76 18.92 11.06
C LEU A 26 -8.48 18.45 10.37
N LEU A 27 -8.21 18.99 9.18
CA LEU A 27 -6.99 18.68 8.43
C LEU A 27 -5.70 19.07 9.17
N LYS A 28 -5.79 20.09 10.04
CA LYS A 28 -4.67 20.49 10.90
C LYS A 28 -4.59 19.74 12.23
N GLU A 29 -5.73 19.27 12.75
CA GLU A 29 -5.74 18.48 14.00
C GLU A 29 -5.15 17.08 13.81
N VAL A 30 -5.60 16.38 12.78
CA VAL A 30 -5.16 15.01 12.48
C VAL A 30 -4.72 14.89 11.01
N PRO A 31 -3.74 13.99 10.72
CA PRO A 31 -3.27 13.84 9.35
C PRO A 31 -4.23 13.05 8.48
N LEU A 32 -4.53 13.56 7.30
CA LEU A 32 -5.22 12.77 6.27
C LEU A 32 -4.15 11.92 5.59
N ILE A 33 -4.23 10.61 5.78
CA ILE A 33 -3.25 9.67 5.23
C ILE A 33 -3.87 8.90 4.07
N ASP A 34 -3.38 9.18 2.86
CA ASP A 34 -3.84 8.50 1.66
C ASP A 34 -3.13 7.15 1.50
N GLY A 35 -3.90 6.15 1.09
CA GLY A 35 -3.43 4.77 1.00
C GLY A 35 -2.58 4.38 -0.20
N HIS A 36 -2.72 5.10 -1.32
CA HIS A 36 -2.01 4.75 -2.55
C HIS A 36 -1.91 5.91 -3.55
N ASN A 37 -0.69 6.27 -3.92
CA ASN A 37 -0.41 7.28 -4.96
C ASN A 37 0.78 6.82 -5.79
N ASP A 38 0.61 6.81 -7.12
CA ASP A 38 1.63 6.33 -8.07
C ASP A 38 2.46 7.44 -8.71
N PHE A 39 2.70 8.51 -7.95
CA PHE A 39 3.56 9.62 -8.39
C PHE A 39 5.02 9.21 -8.66
N PRO A 40 5.56 8.23 -7.91
CA PRO A 40 6.89 7.70 -8.24
C PRO A 40 7.01 7.05 -9.63
N TYR A 41 5.95 6.40 -10.10
CA TYR A 41 5.95 5.82 -11.46
C TYR A 41 5.76 6.88 -12.56
N MET A 42 5.14 8.02 -12.22
CA MET A 42 5.05 9.16 -13.14
C MET A 42 6.43 9.81 -13.34
N ILE A 43 7.21 9.86 -12.25
CA ILE A 43 8.61 10.32 -12.31
C ILE A 43 9.47 9.37 -13.17
N ARG A 44 9.16 8.08 -13.10
CA ARG A 44 9.78 7.06 -13.96
C ARG A 44 9.39 7.24 -15.44
N GLY A 45 8.12 7.55 -15.70
CA GLY A 45 7.64 7.79 -17.06
C GLY A 45 8.14 9.09 -17.67
N TRP A 46 8.08 10.18 -16.89
CA TRP A 46 8.38 11.52 -17.38
C TRP A 46 9.88 11.85 -17.32
N PHE A 47 10.46 11.80 -16.13
CA PHE A 47 11.88 12.13 -15.93
C PHE A 47 12.84 10.94 -16.08
N ARG A 48 12.31 9.71 -16.10
CA ARG A 48 13.12 8.48 -16.04
C ARG A 48 14.03 8.44 -14.79
N ASN A 49 13.43 8.76 -13.65
CA ASN A 49 14.12 8.79 -12.34
C ASN A 49 15.36 9.69 -12.28
N ASP A 50 15.38 10.75 -13.07
CA ASP A 50 16.45 11.74 -13.07
C ASP A 50 15.83 13.10 -12.71
N ILE A 51 15.81 13.40 -11.42
CA ILE A 51 15.19 14.61 -10.88
C ILE A 51 16.19 15.74 -10.56
N ASN A 52 17.42 15.63 -11.06
CA ASN A 52 18.44 16.66 -10.86
C ASN A 52 18.11 17.93 -11.66
N GLY A 53 17.94 19.04 -10.94
CA GLY A 53 17.57 20.31 -11.57
C GLY A 53 16.16 20.35 -12.13
N GLN A 54 15.24 19.63 -11.48
CA GLN A 54 13.84 19.54 -11.92
C GLN A 54 12.86 19.96 -10.81
N ASP A 55 13.34 20.77 -9.86
CA ASP A 55 12.49 21.23 -8.74
C ASP A 55 11.28 22.03 -9.22
N ALA A 56 11.51 22.97 -10.14
CA ALA A 56 10.43 23.76 -10.76
C ALA A 56 9.33 22.87 -11.34
N HIS A 57 9.72 21.80 -12.02
CA HIS A 57 8.78 20.82 -12.57
C HIS A 57 8.14 19.94 -11.50
N LEU A 58 8.92 19.52 -10.50
CA LEU A 58 8.38 18.71 -9.40
C LEU A 58 7.36 19.46 -8.54
N TYR A 59 7.54 20.77 -8.40
CA TYR A 59 6.57 21.63 -7.72
C TYR A 59 5.36 21.97 -8.60
N ASP A 60 5.58 22.17 -9.90
CA ASP A 60 4.51 22.43 -10.87
C ASP A 60 4.67 21.51 -12.07
N MET A 61 4.05 20.33 -11.99
CA MET A 61 4.20 19.28 -13.01
C MET A 61 3.43 19.60 -14.30
N PRO A 62 4.03 19.30 -15.48
CA PRO A 62 3.32 19.42 -16.75
C PRO A 62 2.36 18.26 -17.04
N ILE A 63 2.43 17.18 -16.24
CA ILE A 63 1.51 16.05 -16.33
C ILE A 63 0.99 15.62 -14.96
N GLY A 64 -0.02 14.77 -14.95
CA GLY A 64 -0.43 14.04 -13.77
C GLY A 64 -1.21 14.83 -12.74
N GLN A 65 -1.59 14.13 -11.67
CA GLN A 65 -2.46 14.64 -10.61
C GLN A 65 -1.72 14.96 -9.31
N THR A 66 -0.38 14.85 -9.31
CA THR A 66 0.43 15.10 -8.10
C THR A 66 1.64 15.97 -8.42
N ASP A 67 1.83 17.01 -7.61
CA ASP A 67 3.09 17.75 -7.53
C ASP A 67 3.21 18.36 -6.13
N LEU A 68 4.38 18.89 -5.80
CA LEU A 68 4.66 19.34 -4.44
C LEU A 68 3.90 20.61 -4.00
N GLN A 69 3.48 21.43 -4.97
CA GLN A 69 2.67 22.62 -4.67
C GLN A 69 1.22 22.24 -4.37
N ARG A 70 0.62 21.42 -5.23
CA ARG A 70 -0.74 20.93 -5.03
C ARG A 70 -0.86 19.98 -3.82
N LEU A 71 0.24 19.31 -3.48
CA LEU A 71 0.31 18.45 -2.29
C LEU A 71 0.18 19.28 -1.00
N GLN A 72 0.82 20.45 -0.98
CA GLN A 72 0.66 21.42 0.11
C GLN A 72 -0.76 22.02 0.14
N LYS A 73 -1.27 22.37 -1.04
CA LYS A 73 -2.58 23.02 -1.18
C LYS A 73 -3.74 22.19 -0.63
N GLY A 74 -3.70 20.88 -0.89
CA GLY A 74 -4.72 19.94 -0.39
C GLY A 74 -4.64 19.58 1.08
N LEU A 75 -3.60 20.03 1.78
CA LEU A 75 -3.43 19.83 3.22
C LEU A 75 -3.34 18.35 3.63
N LEU A 76 -2.70 17.55 2.78
CA LEU A 76 -2.54 16.12 3.02
C LEU A 76 -1.54 15.90 4.15
N GLY A 77 -1.92 15.06 5.10
CA GLY A 77 -1.10 14.79 6.30
C GLY A 77 -0.05 13.73 6.10
N GLY A 78 -0.40 12.66 5.39
CA GLY A 78 0.51 11.56 5.09
C GLY A 78 0.19 10.89 3.76
N GLN A 79 1.11 10.05 3.29
CA GLN A 79 0.97 9.39 2.00
C GLN A 79 1.79 8.11 1.94
N PHE A 80 1.14 7.02 1.53
CA PHE A 80 1.82 5.79 1.13
C PHE A 80 2.17 5.90 -0.35
N TRP A 81 3.43 6.19 -0.64
CA TRP A 81 3.92 6.30 -2.02
C TRP A 81 4.13 4.90 -2.59
N SER A 82 3.53 4.64 -3.76
CA SER A 82 3.62 3.34 -4.40
C SER A 82 4.97 3.17 -5.10
N ALA A 83 5.63 2.04 -4.84
CA ALA A 83 6.87 1.66 -5.53
C ALA A 83 6.57 0.58 -6.58
N PHE A 84 5.52 0.81 -7.35
CA PHE A 84 5.00 -0.15 -8.33
C PHE A 84 5.94 -0.30 -9.52
N VAL A 85 6.06 -1.53 -10.01
CA VAL A 85 6.64 -1.83 -11.32
C VAL A 85 5.66 -2.77 -12.03
N PRO A 86 5.62 -2.75 -13.38
CA PRO A 86 4.64 -3.59 -14.07
C PRO A 86 4.89 -5.10 -13.92
N CYS A 87 3.85 -5.90 -14.13
CA CYS A 87 3.99 -7.35 -14.18
C CYS A 87 4.91 -7.73 -15.33
N PRO A 88 5.79 -8.73 -15.13
CA PRO A 88 6.76 -9.06 -16.18
C PRO A 88 6.11 -9.68 -17.41
N LYS A 89 6.50 -9.20 -18.59
CA LYS A 89 5.92 -9.65 -19.87
C LYS A 89 6.93 -10.37 -20.77
N ASN A 90 8.12 -10.68 -20.25
CA ASN A 90 9.18 -11.32 -21.03
C ASN A 90 8.82 -12.80 -21.29
N PRO A 91 9.17 -13.34 -22.49
CA PRO A 91 8.98 -14.78 -22.72
C PRO A 91 9.80 -15.66 -21.77
N ASP A 92 11.05 -15.26 -21.52
CA ASP A 92 11.89 -15.88 -20.50
C ASP A 92 11.39 -15.38 -19.14
N LYS A 93 10.77 -16.28 -18.38
CA LYS A 93 10.13 -15.92 -17.11
C LYS A 93 11.12 -15.60 -15.98
N GLU A 94 12.30 -16.24 -16.02
CA GLU A 94 13.37 -15.95 -15.06
C GLU A 94 13.89 -14.51 -15.15
N VAL A 95 14.10 -14.03 -16.37
CA VAL A 95 14.62 -12.67 -16.60
C VAL A 95 13.58 -11.62 -16.19
N GLY A 96 12.33 -11.82 -16.60
CA GLY A 96 11.24 -10.91 -16.24
C GLY A 96 11.04 -10.75 -14.74
N SER A 97 11.10 -11.86 -14.03
CA SER A 97 10.94 -11.87 -12.56
C SER A 97 12.10 -11.15 -11.87
N LEU A 98 13.32 -11.45 -12.30
CA LEU A 98 14.54 -10.79 -11.78
C LEU A 98 14.63 -9.31 -12.19
N GLU A 99 14.13 -8.98 -13.38
CA GLU A 99 14.08 -7.59 -13.86
C GLU A 99 13.14 -6.75 -13.00
N ALA A 100 12.03 -7.35 -12.57
CA ALA A 100 11.08 -6.68 -11.66
C ALA A 100 11.70 -6.32 -10.31
N LEU A 101 12.60 -7.18 -9.81
CA LEU A 101 13.33 -6.90 -8.56
C LEU A 101 14.28 -5.71 -8.70
N ARG A 102 15.00 -5.63 -9.81
CA ARG A 102 15.90 -4.49 -10.07
C ARG A 102 15.13 -3.18 -10.26
N GLN A 103 14.01 -3.25 -10.98
CA GLN A 103 13.14 -2.09 -11.16
C GLN A 103 12.50 -1.61 -9.84
N THR A 104 12.23 -2.55 -8.93
CA THR A 104 11.71 -2.21 -7.60
C THR A 104 12.71 -1.36 -6.80
N LEU A 105 13.98 -1.76 -6.84
CA LEU A 105 15.04 -1.00 -6.16
C LEU A 105 15.27 0.38 -6.79
N GLN A 106 15.05 0.50 -8.09
CA GLN A 106 15.08 1.80 -8.79
C GLN A 106 13.95 2.73 -8.31
N GLN A 107 12.74 2.17 -8.14
CA GLN A 107 11.58 2.94 -7.67
C GLN A 107 11.66 3.30 -6.19
N LEU A 108 12.20 2.40 -5.37
CA LEU A 108 12.47 2.71 -3.95
C LEU A 108 13.54 3.79 -3.83
N ASP A 109 14.55 3.75 -4.70
CA ASP A 109 15.62 4.73 -4.72
C ASP A 109 15.15 6.14 -5.07
N VAL A 110 14.30 6.27 -6.09
CA VAL A 110 13.77 7.58 -6.49
C VAL A 110 12.76 8.15 -5.48
N ILE A 111 12.03 7.28 -4.79
CA ILE A 111 11.16 7.70 -3.67
C ILE A 111 11.99 8.28 -2.51
N HIS A 112 13.08 7.60 -2.15
CA HIS A 112 13.99 8.09 -1.10
C HIS A 112 14.70 9.38 -1.49
N ARG A 113 15.14 9.47 -2.74
CA ARG A 113 15.75 10.70 -3.27
C ARG A 113 14.76 11.86 -3.36
N LEU A 114 13.51 11.58 -3.69
CA LEU A 114 12.44 12.59 -3.70
C LEU A 114 12.18 13.17 -2.31
N ILE A 115 12.15 12.30 -1.31
CA ILE A 115 11.94 12.72 0.09
C ILE A 115 13.13 13.52 0.63
N GLU A 116 14.34 13.01 0.40
CA GLU A 116 15.56 13.65 0.90
C GLU A 116 15.87 15.02 0.27
N ARG A 117 15.54 15.18 -1.01
CA ARG A 117 15.74 16.46 -1.71
C ARG A 117 14.71 17.55 -1.38
N HIS A 118 13.60 17.17 -0.76
CA HIS A 118 12.57 18.12 -0.36
C HIS A 118 12.17 17.90 1.10
N PRO A 119 13.11 18.14 2.03
CA PRO A 119 12.86 17.88 3.45
C PRO A 119 11.89 18.86 4.15
N THR A 120 11.61 20.01 3.53
CA THR A 120 10.61 20.94 4.05
C THR A 120 9.17 20.49 3.80
N ILE A 121 8.95 19.73 2.72
CA ILE A 121 7.63 19.22 2.34
C ILE A 121 7.45 17.77 2.82
N LEU A 122 8.35 16.90 2.39
CA LEU A 122 8.24 15.46 2.65
C LEU A 122 9.20 15.03 3.76
N GLN A 123 8.73 14.11 4.61
CA GLN A 123 9.56 13.47 5.63
C GLN A 123 9.22 11.99 5.69
N PHE A 124 10.25 11.14 5.67
CA PHE A 124 10.08 9.69 5.66
C PHE A 124 9.51 9.19 6.99
N ALA A 125 8.56 8.27 6.91
CA ALA A 125 7.94 7.63 8.08
C ALA A 125 7.74 6.14 7.82
N ASP A 126 7.95 5.34 8.87
CA ASP A 126 7.80 3.88 8.79
C ASP A 126 7.05 3.28 10.00
N SER A 127 6.29 4.11 10.71
CA SER A 127 5.59 3.71 11.94
C SER A 127 4.56 4.74 12.34
N ALA A 128 3.74 4.39 13.33
CA ALA A 128 2.72 5.32 13.86
C ALA A 128 3.35 6.55 14.51
N ALA A 129 4.42 6.34 15.28
CA ALA A 129 5.14 7.44 15.93
C ALA A 129 5.82 8.39 14.94
N SER A 130 6.44 7.82 13.90
CA SER A 130 7.09 8.61 12.85
C SER A 130 6.11 9.42 11.98
N ILE A 131 4.89 8.90 11.80
CA ILE A 131 3.81 9.66 11.13
C ILE A 131 3.44 10.90 11.94
N TRP A 132 3.25 10.73 13.25
CA TRP A 132 2.87 11.84 14.12
C TRP A 132 3.96 12.91 14.23
N SER A 133 5.19 12.50 14.50
CA SER A 133 6.34 13.43 14.57
C SER A 133 6.56 14.18 13.25
N SER A 134 6.31 13.51 12.13
CA SER A 134 6.30 14.16 10.81
C SER A 134 5.17 15.19 10.70
N PHE A 135 3.97 14.81 11.17
CA PHE A 135 2.81 15.70 11.16
C PHE A 135 2.92 16.90 12.11
N ARG A 136 3.57 16.72 13.27
CA ARG A 136 3.85 17.84 14.19
C ARG A 136 4.73 18.91 13.52
N ALA A 137 5.73 18.44 12.78
CA ALA A 137 6.67 19.32 12.08
C ALA A 137 6.11 20.05 10.85
N GLY A 138 4.92 19.66 10.40
CA GLY A 138 4.25 20.28 9.25
C GLY A 138 4.65 19.64 7.93
N ARG A 139 5.09 18.38 7.98
CA ARG A 139 5.55 17.63 6.81
C ARG A 139 4.48 16.63 6.38
N VAL A 140 4.54 16.21 5.13
CA VAL A 140 3.72 15.09 4.65
C VAL A 140 4.46 13.81 5.01
N ALA A 141 3.84 13.00 5.88
CA ALA A 141 4.43 11.72 6.30
C ALA A 141 4.51 10.76 5.11
N SER A 142 5.74 10.50 4.66
CA SER A 142 5.99 9.74 3.44
C SER A 142 6.33 8.28 3.74
N LEU A 143 5.34 7.41 3.54
CA LEU A 143 5.51 5.96 3.69
C LEU A 143 5.60 5.30 2.31
N ILE A 144 5.96 4.01 2.30
CA ILE A 144 6.20 3.28 1.05
C ILE A 144 5.45 1.93 1.05
N GLY A 145 4.92 1.56 -0.11
CA GLY A 145 4.35 0.23 -0.35
C GLY A 145 4.66 -0.25 -1.76
N ILE A 146 4.67 -1.58 -1.93
CA ILE A 146 4.86 -2.20 -3.25
C ILE A 146 3.55 -2.79 -3.75
N GLU A 147 3.27 -2.61 -5.04
CA GLU A 147 2.01 -3.04 -5.63
C GLU A 147 2.16 -4.36 -6.40
N GLY A 148 2.38 -5.45 -5.65
CA GLY A 148 2.44 -6.81 -6.20
C GLY A 148 3.61 -7.64 -5.67
N LEU A 149 3.35 -8.92 -5.40
CA LEU A 149 4.42 -9.85 -4.95
C LEU A 149 5.30 -10.38 -6.10
N HIS A 150 4.96 -10.05 -7.35
CA HIS A 150 5.88 -10.22 -8.48
C HIS A 150 7.16 -9.38 -8.34
N GLN A 151 7.09 -8.30 -7.54
CA GLN A 151 8.22 -7.39 -7.31
C GLN A 151 9.37 -7.99 -6.50
N ILE A 152 9.11 -9.01 -5.69
CA ILE A 152 10.17 -9.66 -4.86
C ILE A 152 10.96 -10.78 -5.55
N ALA A 153 10.52 -11.20 -6.75
CA ALA A 153 11.19 -12.25 -7.53
C ALA A 153 11.31 -13.59 -6.78
N ASP A 154 10.19 -14.01 -6.18
CA ASP A 154 10.11 -15.27 -5.40
C ASP A 154 11.04 -15.36 -4.18
N SER A 155 11.59 -14.22 -3.72
CA SER A 155 12.58 -14.19 -2.65
C SER A 155 11.99 -13.55 -1.40
N VAL A 156 11.78 -14.37 -0.37
CA VAL A 156 11.32 -13.90 0.94
C VAL A 156 12.44 -13.12 1.64
N SER A 157 13.70 -13.47 1.35
CA SER A 157 14.86 -12.69 1.79
C SER A 157 14.82 -11.26 1.26
N ALA A 158 14.53 -11.12 -0.04
CA ALA A 158 14.38 -9.81 -0.67
C ALA A 158 13.27 -8.99 -0.01
N LEU A 159 12.15 -9.64 0.29
CA LEU A 159 11.01 -9.00 0.95
C LEU A 159 11.38 -8.42 2.32
N ARG A 160 12.17 -9.16 3.10
CA ARG A 160 12.68 -8.66 4.39
C ARG A 160 13.63 -7.47 4.22
N MET A 161 14.41 -7.48 3.14
CA MET A 161 15.26 -6.33 2.79
C MET A 161 14.45 -5.13 2.29
N LEU A 162 13.33 -5.37 1.60
CA LEU A 162 12.41 -4.29 1.23
C LEU A 162 11.79 -3.62 2.46
N HIS A 163 11.46 -4.44 3.47
CA HIS A 163 11.01 -3.93 4.78
C HIS A 163 12.06 -3.04 5.44
N ARG A 164 13.32 -3.47 5.36
CA ARG A 164 14.46 -2.71 5.89
C ARG A 164 14.71 -1.39 5.13
N LEU A 165 14.38 -1.37 3.84
CA LEU A 165 14.44 -0.14 3.02
C LEU A 165 13.29 0.84 3.26
N GLY A 166 12.27 0.44 4.01
CA GLY A 166 11.16 1.32 4.39
C GLY A 166 9.79 0.95 3.85
N VAL A 167 9.67 -0.20 3.17
CA VAL A 167 8.38 -0.66 2.66
C VAL A 167 7.54 -1.13 3.85
N ARG A 168 6.33 -0.59 3.98
CA ARG A 168 5.45 -0.95 5.09
C ARG A 168 4.15 -1.65 4.73
N TYR A 169 3.78 -1.69 3.46
CA TYR A 169 2.75 -2.63 3.02
C TYR A 169 3.09 -3.29 1.68
N VAL A 170 2.51 -4.46 1.47
CA VAL A 170 2.70 -5.24 0.26
C VAL A 170 1.33 -5.65 -0.28
N THR A 171 1.02 -5.15 -1.48
CA THR A 171 -0.13 -5.65 -2.24
C THR A 171 0.26 -7.04 -2.73
N LEU A 172 -0.60 -8.03 -2.46
CA LEU A 172 -0.27 -9.43 -2.75
C LEU A 172 -0.17 -9.71 -4.25
N THR A 173 -0.98 -9.03 -5.05
CA THR A 173 -0.91 -9.13 -6.52
C THR A 173 -1.15 -7.77 -7.17
N HIS A 174 -0.87 -7.69 -8.46
CA HIS A 174 -1.34 -6.57 -9.30
C HIS A 174 -2.35 -7.16 -10.31
N ASN A 175 -2.12 -7.04 -11.62
CA ASN A 175 -3.02 -7.60 -12.63
C ASN A 175 -2.35 -8.82 -13.27
N CYS A 176 -1.83 -9.70 -12.41
CA CYS A 176 -1.18 -10.93 -12.83
C CYS A 176 -1.09 -11.89 -11.63
N HIS A 177 -1.31 -13.18 -11.88
CA HIS A 177 -1.15 -14.19 -10.84
C HIS A 177 0.35 -14.37 -10.59
N ASN A 178 0.69 -14.62 -9.33
CA ASN A 178 2.08 -14.94 -8.94
C ASN A 178 2.08 -16.26 -8.17
N ALA A 179 3.25 -16.68 -7.71
CA ALA A 179 3.38 -17.92 -6.94
C ALA A 179 2.61 -17.95 -5.60
N PHE A 180 2.22 -16.77 -5.08
CA PHE A 180 1.58 -16.65 -3.77
C PHE A 180 0.06 -16.47 -3.80
N ALA A 181 -0.47 -15.69 -4.75
CA ALA A 181 -1.91 -15.39 -4.79
C ALA A 181 -2.45 -15.06 -6.19
N ASP A 182 -3.79 -15.05 -6.28
CA ASP A 182 -4.51 -14.75 -7.54
C ASP A 182 -4.90 -13.28 -7.63
N ALA A 183 -4.64 -12.67 -8.79
CA ALA A 183 -5.16 -11.34 -9.13
C ALA A 183 -6.65 -11.40 -9.46
N ALA A 184 -7.32 -10.25 -9.32
CA ALA A 184 -8.76 -10.14 -9.56
C ALA A 184 -9.12 -10.12 -11.04
N THR A 185 -8.36 -9.37 -11.83
CA THR A 185 -8.70 -9.08 -13.23
C THR A 185 -8.25 -10.13 -14.27
N VAL A 186 -7.62 -11.22 -13.81
CA VAL A 186 -7.07 -12.25 -14.71
C VAL A 186 -7.85 -13.56 -14.55
N SER A 187 -8.25 -14.14 -15.68
CA SER A 187 -8.88 -15.46 -15.74
C SER A 187 -8.19 -16.31 -16.82
N PRO A 188 -8.10 -17.64 -16.63
CA PRO A 188 -8.65 -18.37 -15.49
C PRO A 188 -7.81 -18.28 -14.22
N GLU A 189 -8.38 -18.75 -13.11
CA GLU A 189 -7.71 -18.75 -11.81
C GLU A 189 -6.60 -19.79 -11.77
N LEU A 190 -5.50 -19.46 -11.10
CA LEU A 190 -4.33 -20.36 -11.00
C LEU A 190 -4.44 -21.21 -9.72
N HIS A 191 -4.47 -20.53 -8.58
CA HIS A 191 -4.47 -21.17 -7.26
C HIS A 191 -5.87 -21.30 -6.64
N GLY A 192 -6.80 -20.44 -7.03
CA GLY A 192 -8.13 -20.40 -6.41
C GLY A 192 -8.06 -19.74 -5.05
N GLY A 193 -7.52 -18.52 -5.04
CA GLY A 193 -7.21 -17.79 -3.81
C GLY A 193 -5.71 -17.77 -3.58
N LEU A 194 -5.29 -18.09 -2.35
CA LEU A 194 -3.89 -18.18 -2.00
C LEU A 194 -3.33 -19.56 -2.33
N SER A 195 -2.06 -19.60 -2.71
CA SER A 195 -1.32 -20.85 -2.88
C SER A 195 -0.87 -21.35 -1.52
N ARG A 196 -0.27 -22.53 -1.49
CA ARG A 196 0.29 -23.09 -0.24
C ARG A 196 1.47 -22.23 0.26
N LYS A 197 2.25 -21.70 -0.68
CA LYS A 197 3.29 -20.71 -0.38
C LYS A 197 2.70 -19.41 0.17
N GLY A 198 1.62 -18.94 -0.45
CA GLY A 198 0.92 -17.73 0.00
C GLY A 198 0.46 -17.78 1.44
N GLU A 199 -0.05 -18.93 1.86
CA GLU A 199 -0.49 -19.14 3.25
C GLU A 199 0.67 -19.03 4.25
N ARG A 200 1.82 -19.60 3.89
CA ARG A 200 3.05 -19.46 4.69
C ARG A 200 3.56 -18.03 4.73
N LEU A 201 3.44 -17.32 3.60
CA LEU A 201 3.88 -15.93 3.52
C LEU A 201 3.06 -14.99 4.41
N ILE A 202 1.78 -15.30 4.61
CA ILE A 202 0.91 -14.53 5.50
C ILE A 202 1.47 -14.53 6.92
N ARG A 203 1.91 -15.70 7.39
CA ARG A 203 2.56 -15.81 8.70
C ARG A 203 3.85 -15.00 8.79
N GLU A 204 4.65 -15.05 7.73
CA GLU A 204 5.92 -14.31 7.67
C GLU A 204 5.70 -12.79 7.59
N LEU A 205 4.69 -12.36 6.85
CA LEU A 205 4.31 -10.94 6.78
C LEU A 205 3.83 -10.40 8.13
N ASN A 206 3.05 -11.22 8.85
CA ASN A 206 2.62 -10.88 10.22
C ASN A 206 3.80 -10.84 11.19
N ARG A 207 4.74 -11.76 11.03
CA ARG A 207 5.93 -11.86 11.89
C ARG A 207 6.88 -10.67 11.73
N MET A 208 7.18 -10.31 10.48
CA MET A 208 8.11 -9.20 10.19
C MET A 208 7.53 -7.80 10.44
N GLY A 209 6.20 -7.70 10.54
CA GLY A 209 5.52 -6.42 10.71
C GLY A 209 5.26 -5.71 9.40
N MET A 210 4.98 -6.48 8.36
CA MET A 210 4.60 -5.94 7.05
C MET A 210 3.08 -5.97 6.96
N MET A 211 2.50 -4.82 6.63
CA MET A 211 1.05 -4.66 6.52
C MET A 211 0.58 -5.32 5.23
N ILE A 212 -0.42 -6.21 5.33
CA ILE A 212 -0.96 -6.90 4.16
C ILE A 212 -1.96 -5.98 3.46
N ASP A 213 -1.85 -5.90 2.13
CA ASP A 213 -2.77 -5.12 1.30
C ASP A 213 -3.49 -6.07 0.34
N LEU A 214 -4.82 -5.98 0.31
CA LEU A 214 -5.66 -6.90 -0.46
C LEU A 214 -6.31 -6.29 -1.71
N SER A 215 -5.91 -5.06 -2.08
CA SER A 215 -6.32 -4.47 -3.36
C SER A 215 -5.69 -5.25 -4.52
N HIS A 216 -6.36 -5.27 -5.66
CA HIS A 216 -5.95 -6.02 -6.86
C HIS A 216 -5.98 -7.57 -6.74
N THR A 217 -6.38 -8.11 -5.59
CA THR A 217 -6.44 -9.56 -5.38
C THR A 217 -7.86 -10.06 -5.59
N SER A 218 -8.01 -11.34 -5.92
CA SER A 218 -9.32 -11.95 -6.18
C SER A 218 -10.14 -12.07 -4.90
N HIS A 219 -11.47 -12.19 -5.06
CA HIS A 219 -12.40 -12.28 -3.92
C HIS A 219 -12.09 -13.46 -3.00
N GLU A 220 -11.69 -14.59 -3.59
CA GLU A 220 -11.34 -15.79 -2.83
C GLU A 220 -10.01 -15.64 -2.10
N ALA A 221 -9.04 -14.96 -2.73
CA ALA A 221 -7.76 -14.63 -2.09
C ALA A 221 -7.93 -13.70 -0.89
N GLN A 222 -8.91 -12.79 -0.96
CA GLN A 222 -9.25 -11.90 0.15
C GLN A 222 -9.86 -12.68 1.32
N THR A 223 -10.87 -13.49 1.02
CA THR A 223 -11.55 -14.33 2.01
C THR A 223 -10.59 -15.22 2.81
N GLN A 224 -9.65 -15.84 2.11
CA GLN A 224 -8.65 -16.70 2.75
C GLN A 224 -7.67 -15.90 3.61
N ALA A 225 -7.12 -14.82 3.05
CA ALA A 225 -6.16 -13.96 3.75
C ALA A 225 -6.74 -13.32 5.01
N LEU A 226 -8.01 -12.90 4.95
CA LEU A 226 -8.70 -12.28 6.09
C LEU A 226 -8.94 -13.26 7.26
N ARG A 227 -9.20 -14.52 6.95
CA ARG A 227 -9.35 -15.57 7.97
C ARG A 227 -8.02 -16.05 8.54
N LEU A 228 -6.96 -16.02 7.72
CA LEU A 228 -5.66 -16.59 8.08
C LEU A 228 -4.74 -15.59 8.80
N SER A 229 -4.88 -14.30 8.49
CA SER A 229 -4.00 -13.26 9.04
C SER A 229 -4.23 -13.02 10.53
N ARG A 230 -3.14 -12.93 11.29
CA ARG A 230 -3.16 -12.65 12.72
C ARG A 230 -3.07 -11.16 13.05
N ALA A 231 -2.70 -10.34 12.05
CA ALA A 231 -2.68 -8.89 12.16
C ALA A 231 -3.76 -8.27 11.26
N PRO A 232 -4.18 -7.02 11.55
CA PRO A 232 -5.13 -6.36 10.65
C PRO A 232 -4.52 -5.98 9.30
N VAL A 233 -5.32 -6.09 8.24
CA VAL A 233 -4.89 -5.83 6.87
C VAL A 233 -5.55 -4.55 6.34
N ILE A 234 -5.19 -4.15 5.13
CA ILE A 234 -5.83 -3.02 4.46
C ILE A 234 -6.25 -3.37 3.03
N TYR A 235 -7.11 -2.52 2.49
CA TYR A 235 -7.31 -2.39 1.06
C TYR A 235 -6.78 -1.00 0.75
N SER A 236 -5.60 -0.92 0.13
CA SER A 236 -4.91 0.36 -0.09
C SER A 236 -5.66 1.25 -1.08
N HIS A 237 -6.32 0.64 -2.06
CA HIS A 237 -7.19 1.36 -2.99
C HIS A 237 -8.21 0.42 -3.65
N SER A 238 -9.33 0.23 -2.97
CA SER A 238 -10.47 -0.56 -3.48
C SER A 238 -11.77 0.04 -2.98
N SER A 239 -12.86 -0.23 -3.72
CA SER A 239 -14.18 0.31 -3.41
C SER A 239 -15.18 -0.81 -3.11
N ILE A 240 -16.45 -0.44 -2.96
CA ILE A 240 -17.53 -1.33 -2.53
C ILE A 240 -18.23 -2.00 -3.72
N TYR A 241 -18.43 -3.31 -3.60
CA TYR A 241 -19.04 -4.13 -4.67
C TYR A 241 -20.55 -3.90 -4.83
N SER A 242 -21.25 -3.77 -3.71
CA SER A 242 -22.71 -3.57 -3.72
C SER A 242 -23.17 -2.33 -4.48
N LEU A 243 -22.45 -1.22 -4.31
CA LEU A 243 -22.76 0.02 -5.03
C LEU A 243 -22.35 -0.03 -6.50
N ARG A 244 -21.25 -0.72 -6.79
CA ARG A 244 -20.74 -0.88 -8.16
C ARG A 244 -20.01 -2.21 -8.28
N ALA A 245 -20.59 -3.13 -9.06
CA ALA A 245 -20.04 -4.48 -9.21
C ALA A 245 -18.81 -4.50 -10.12
N HIS A 246 -17.66 -4.86 -9.55
CA HIS A 246 -16.40 -4.94 -10.27
C HIS A 246 -15.50 -5.94 -9.54
N ALA A 247 -14.63 -6.63 -10.27
CA ALA A 247 -13.69 -7.60 -9.67
C ALA A 247 -12.71 -6.98 -8.65
N ARG A 248 -12.38 -5.71 -8.88
CA ARG A 248 -11.49 -4.93 -8.01
C ARG A 248 -12.14 -4.44 -6.70
N ASN A 249 -13.46 -4.42 -6.63
CA ASN A 249 -14.19 -3.96 -5.44
C ASN A 249 -14.39 -5.06 -4.39
N VAL A 250 -14.76 -4.65 -3.18
CA VAL A 250 -14.86 -5.54 -2.02
C VAL A 250 -16.32 -5.95 -1.79
N THR A 251 -16.57 -7.25 -1.69
CA THR A 251 -17.91 -7.78 -1.45
C THR A 251 -18.34 -7.61 0.01
N ASP A 252 -19.64 -7.73 0.26
CA ASP A 252 -20.19 -7.66 1.62
C ASP A 252 -19.67 -8.79 2.53
N GLU A 253 -19.38 -9.94 1.93
CA GLU A 253 -18.75 -11.07 2.63
C GLU A 253 -17.35 -10.69 3.15
N ASN A 254 -16.52 -10.16 2.26
CA ASN A 254 -15.15 -9.74 2.63
C ASN A 254 -15.11 -8.50 3.51
N LEU A 255 -16.10 -7.60 3.39
CA LEU A 255 -16.25 -6.47 4.33
C LEU A 255 -16.52 -6.95 5.75
N HIS A 256 -17.34 -8.00 5.90
CA HIS A 256 -17.61 -8.60 7.21
C HIS A 256 -16.37 -9.26 7.81
N LEU A 257 -15.60 -9.97 6.98
CA LEU A 257 -14.34 -10.58 7.42
C LEU A 257 -13.25 -9.53 7.71
N LEU A 258 -13.31 -8.39 7.02
CA LEU A 258 -12.44 -7.25 7.33
C LEU A 258 -12.73 -6.66 8.70
N HIS A 259 -14.00 -6.65 9.10
CA HIS A 259 -14.42 -6.20 10.44
C HIS A 259 -13.84 -7.10 11.54
N ARG A 260 -13.94 -8.42 11.36
CA ARG A 260 -13.38 -9.39 12.31
C ARG A 260 -11.85 -9.34 12.37
N ASN A 261 -11.23 -9.14 11.20
CA ASN A 261 -9.79 -8.92 11.08
C ASN A 261 -9.31 -7.58 11.70
N ARG A 262 -10.22 -6.62 11.85
CA ARG A 262 -9.97 -5.27 12.40
C ARG A 262 -9.23 -4.38 11.38
N GLY A 263 -9.44 -4.66 10.09
CA GLY A 263 -8.76 -3.94 9.01
C GLY A 263 -9.50 -2.69 8.58
N VAL A 264 -8.99 -2.06 7.52
CA VAL A 264 -9.54 -0.81 6.99
C VAL A 264 -9.63 -0.91 5.46
N VAL A 265 -10.79 -0.55 4.91
CA VAL A 265 -10.96 -0.44 3.45
C VAL A 265 -10.79 1.02 3.05
N MET A 266 -9.74 1.31 2.28
CA MET A 266 -9.41 2.68 1.87
C MET A 266 -10.02 2.92 0.48
N ILE A 267 -11.03 3.78 0.43
CA ILE A 267 -11.91 3.91 -0.74
C ILE A 267 -11.19 4.57 -1.93
N CYS A 268 -11.38 4.00 -3.11
CA CYS A 268 -10.66 4.38 -4.33
C CYS A 268 -11.40 5.45 -5.12
N PHE A 269 -10.64 6.35 -5.76
CA PHE A 269 -11.22 7.39 -6.63
C PHE A 269 -11.29 6.96 -8.11
N LEU A 270 -10.91 5.72 -8.44
CA LEU A 270 -11.01 5.23 -9.82
C LEU A 270 -12.46 5.31 -10.32
N ARG A 271 -12.66 5.97 -11.45
CA ARG A 271 -14.00 6.19 -12.02
C ARG A 271 -14.68 4.89 -12.45
N GLU A 272 -13.89 3.90 -12.86
CA GLU A 272 -14.40 2.58 -13.23
C GLU A 272 -15.02 1.85 -12.03
N LEU A 273 -14.42 2.05 -10.85
CA LEU A 273 -14.84 1.39 -9.62
C LEU A 273 -15.98 2.10 -8.87
N LEU A 274 -16.30 3.34 -9.26
CA LEU A 274 -17.37 4.12 -8.61
C LEU A 274 -18.71 4.10 -9.37
N ALA A 275 -18.67 3.96 -10.69
CA ALA A 275 -19.89 3.94 -11.51
C ALA A 275 -19.75 3.09 -12.77
N SER A 276 -20.88 2.73 -13.37
CA SER A 276 -20.93 1.93 -14.59
C SER A 276 -20.40 2.69 -15.80
N GLU A 277 -20.88 3.92 -15.96
CA GLU A 277 -20.32 4.86 -16.94
C GLU A 277 -19.25 5.69 -16.22
N ALA A 278 -18.01 5.61 -16.70
CA ALA A 278 -16.85 6.23 -16.05
C ALA A 278 -16.96 7.76 -15.94
N ASP A 279 -17.40 8.40 -17.03
CA ASP A 279 -17.54 9.86 -17.06
C ASP A 279 -18.67 10.44 -16.18
N GLN A 280 -19.53 9.58 -15.64
CA GLN A 280 -20.56 9.99 -14.67
C GLN A 280 -20.06 10.06 -13.23
N ALA A 281 -18.86 9.54 -12.95
CA ALA A 281 -18.32 9.47 -11.57
C ALA A 281 -18.02 10.85 -10.97
N THR A 282 -18.16 10.95 -9.65
CA THR A 282 -18.09 12.23 -8.92
C THR A 282 -17.55 12.04 -7.50
N LEU A 283 -17.33 13.16 -6.83
CA LEU A 283 -17.02 13.20 -5.40
C LEU A 283 -18.12 12.59 -4.54
N ALA A 284 -19.38 12.83 -4.92
CA ALA A 284 -20.54 12.29 -4.21
C ALA A 284 -20.56 10.75 -4.17
N HIS A 285 -20.10 10.12 -5.26
CA HIS A 285 -19.97 8.65 -5.32
C HIS A 285 -18.94 8.12 -4.33
N VAL A 286 -17.81 8.83 -4.20
CA VAL A 286 -16.77 8.47 -3.24
C VAL A 286 -17.32 8.57 -1.80
N ILE A 287 -18.11 9.61 -1.54
CA ILE A 287 -18.75 9.80 -0.23
C ILE A 287 -19.80 8.72 0.04
N ASP A 288 -20.56 8.33 -0.99
CA ASP A 288 -21.53 7.21 -0.88
C ASP A 288 -20.86 5.90 -0.49
N HIS A 289 -19.69 5.64 -1.09
CA HIS A 289 -18.91 4.42 -0.80
C HIS A 289 -18.32 4.41 0.61
N ILE A 290 -17.87 5.56 1.09
CA ILE A 290 -17.37 5.72 2.47
C ILE A 290 -18.50 5.52 3.49
N ILE A 291 -19.65 6.14 3.23
CA ILE A 291 -20.82 6.05 4.12
C ILE A 291 -21.40 4.63 4.17
N TYR A 292 -21.43 3.95 3.02
CA TYR A 292 -21.90 2.55 2.96
C TYR A 292 -21.10 1.64 3.89
N ALA A 293 -19.78 1.70 3.76
CA ALA A 293 -18.88 0.89 4.58
C ALA A 293 -18.91 1.31 6.05
N GLY A 294 -18.91 2.61 6.30
CA GLY A 294 -19.01 3.16 7.66
C GLY A 294 -20.30 2.83 8.39
N THR A 295 -21.40 2.74 7.65
CA THR A 295 -22.69 2.36 8.21
C THR A 295 -22.75 0.86 8.57
N ARG A 296 -22.22 0.01 7.71
CA ARG A 296 -22.38 -1.44 7.83
C ARG A 296 -21.33 -2.13 8.70
N ILE A 297 -20.06 -1.71 8.58
CA ILE A 297 -18.98 -2.26 9.41
C ILE A 297 -18.34 -1.22 10.34
N GLY A 298 -18.95 -0.04 10.50
CA GLY A 298 -18.42 0.99 11.41
C GLY A 298 -17.37 1.87 10.77
N TYR A 299 -17.32 3.13 11.21
CA TYR A 299 -16.40 4.13 10.63
C TYR A 299 -14.93 3.97 11.03
N GLU A 300 -14.65 3.12 12.03
CA GLU A 300 -13.26 2.78 12.38
C GLU A 300 -12.59 1.76 11.43
N HIS A 301 -13.28 1.33 10.37
CA HIS A 301 -12.74 0.40 9.37
C HIS A 301 -12.82 0.95 7.93
N VAL A 302 -12.86 2.27 7.77
CA VAL A 302 -12.91 2.90 6.44
C VAL A 302 -11.79 3.94 6.34
N GLY A 303 -11.22 4.07 5.15
CA GLY A 303 -10.11 5.00 4.89
C GLY A 303 -10.23 5.66 3.53
N ILE A 304 -9.15 6.33 3.11
CA ILE A 304 -9.08 7.01 1.81
C ILE A 304 -7.87 6.50 1.03
N GLY A 305 -8.14 5.89 -0.12
CA GLY A 305 -7.10 5.29 -0.97
C GLY A 305 -7.24 5.74 -2.40
N SER A 306 -6.91 7.01 -2.65
CA SER A 306 -7.19 7.71 -3.91
C SER A 306 -6.82 6.96 -5.19
N ASP A 307 -5.61 6.41 -5.24
CA ASP A 307 -5.01 5.88 -6.47
C ASP A 307 -4.72 7.01 -7.48
N PHE A 308 -4.40 8.20 -6.95
CA PHE A 308 -3.99 9.33 -7.79
C PHE A 308 -2.69 8.98 -8.52
N ASP A 309 -2.60 9.40 -9.78
CA ASP A 309 -1.51 9.02 -10.69
C ASP A 309 -1.46 7.53 -11.07
N GLY A 310 -2.52 6.79 -10.74
CA GLY A 310 -2.77 5.45 -11.28
C GLY A 310 -3.91 5.48 -12.28
N MET A 311 -4.29 6.71 -12.68
CA MET A 311 -5.39 6.95 -13.62
C MET A 311 -5.06 8.21 -14.42
N LEU A 312 -5.64 8.32 -15.61
CA LEU A 312 -5.49 9.55 -16.41
C LEU A 312 -6.33 10.67 -15.81
N ARG A 313 -7.60 10.37 -15.53
CA ARG A 313 -8.57 11.37 -15.06
C ARG A 313 -9.28 10.89 -13.79
N GLY A 314 -9.57 11.82 -12.89
CA GLY A 314 -10.30 11.54 -11.64
C GLY A 314 -11.76 11.92 -11.71
N PRO A 315 -12.53 11.69 -10.62
CA PRO A 315 -13.94 12.08 -10.59
C PRO A 315 -14.14 13.60 -10.52
N ASP A 316 -15.34 14.06 -10.87
CA ASP A 316 -15.70 15.48 -10.77
C ASP A 316 -15.72 15.90 -9.31
N GLY A 317 -14.80 16.81 -8.94
CA GLY A 317 -14.60 17.23 -7.55
C GLY A 317 -13.36 16.64 -6.88
N LEU A 318 -12.77 15.61 -7.49
CA LEU A 318 -11.52 15.00 -7.01
C LEU A 318 -10.57 14.80 -8.20
N HIS A 319 -10.24 15.90 -8.86
CA HIS A 319 -9.39 15.88 -10.07
C HIS A 319 -7.90 15.73 -9.77
N ASP A 320 -7.45 16.18 -8.59
CA ASP A 320 -6.05 16.06 -8.18
C ASP A 320 -5.86 16.10 -6.66
N VAL A 321 -4.62 16.01 -6.20
CA VAL A 321 -4.29 16.01 -4.75
C VAL A 321 -4.62 17.30 -3.99
N SER A 322 -4.95 18.39 -4.68
CA SER A 322 -5.42 19.62 -4.01
C SER A 322 -6.89 19.55 -3.54
N CYS A 323 -7.63 18.51 -3.93
CA CYS A 323 -9.08 18.41 -3.68
C CYS A 323 -9.50 17.68 -2.39
N TYR A 324 -8.54 17.31 -1.52
CA TYR A 324 -8.86 16.62 -0.27
C TYR A 324 -9.75 17.40 0.73
N PRO A 325 -9.60 18.75 0.79
CA PRO A 325 -10.51 19.54 1.63
C PRO A 325 -11.99 19.48 1.23
N ALA A 326 -12.26 19.29 -0.06
CA ALA A 326 -13.63 19.09 -0.57
C ALA A 326 -14.24 17.77 -0.10
N LEU A 327 -13.41 16.72 -0.03
CA LEU A 327 -13.84 15.40 0.46
C LEU A 327 -14.18 15.43 1.96
N VAL A 328 -13.35 16.13 2.74
CA VAL A 328 -13.56 16.26 4.19
C VAL A 328 -14.80 17.09 4.48
N ALA A 329 -14.97 18.19 3.73
CA ALA A 329 -16.18 19.03 3.82
C ALA A 329 -17.44 18.29 3.38
N GLY A 330 -17.32 17.47 2.33
CA GLY A 330 -18.42 16.66 1.82
C GLY A 330 -18.94 15.61 2.79
N LEU A 331 -18.02 14.97 3.52
CA LEU A 331 -18.38 14.00 4.57
C LEU A 331 -19.11 14.67 5.75
N LEU A 332 -18.60 15.81 6.18
CA LEU A 332 -19.24 16.62 7.23
C LEU A 332 -20.62 17.14 6.81
N GLU A 333 -20.78 17.44 5.53
CA GLU A 333 -22.05 17.91 4.98
C GLU A 333 -23.15 16.84 5.02
N ARG A 334 -22.79 15.58 4.76
CA ARG A 334 -23.73 14.45 4.82
C ARG A 334 -24.15 14.05 6.24
N GLY A 335 -23.46 14.55 7.26
CA GLY A 335 -23.78 14.28 8.66
C GLY A 335 -22.90 13.23 9.32
N VAL A 336 -21.70 13.01 8.78
CA VAL A 336 -20.71 12.13 9.41
C VAL A 336 -20.04 12.96 10.50
N SER A 337 -20.01 12.43 11.73
CA SER A 337 -19.50 13.17 12.88
C SER A 337 -18.00 13.42 12.80
N GLU A 338 -17.55 14.51 13.41
CA GLU A 338 -16.12 14.89 13.39
C GLU A 338 -15.19 13.76 13.77
N GLU A 339 -15.54 13.04 14.84
CA GLU A 339 -14.73 11.91 15.31
C GLU A 339 -14.65 10.81 14.25
N ASP A 340 -15.77 10.53 13.59
CA ASP A 340 -15.80 9.57 12.48
C ASP A 340 -15.06 10.03 11.23
N VAL A 341 -15.11 11.33 10.93
CA VAL A 341 -14.38 11.89 9.79
C VAL A 341 -12.87 11.80 10.02
N LYS A 342 -12.44 12.14 11.23
CA LYS A 342 -11.03 11.98 11.64
C LYS A 342 -10.52 10.56 11.50
N ARG A 343 -11.38 9.59 11.83
CA ARG A 343 -11.06 8.16 11.66
C ARG A 343 -10.82 7.80 10.19
N VAL A 344 -11.74 8.25 9.33
CA VAL A 344 -11.63 8.00 7.89
C VAL A 344 -10.40 8.69 7.27
N MET A 345 -10.09 9.89 7.75
CA MET A 345 -8.93 10.65 7.28
C MET A 345 -7.59 9.92 7.49
N GLY A 346 -7.35 9.42 8.71
CA GLY A 346 -6.05 8.84 9.05
C GLY A 346 -5.90 8.00 10.31
N LEU A 347 -6.64 8.33 11.37
CA LEU A 347 -6.57 7.57 12.65
C LEU A 347 -6.72 6.05 12.50
N ASN A 348 -7.55 5.61 11.55
CA ASN A 348 -7.76 4.18 11.30
C ASN A 348 -6.53 3.48 10.72
N VAL A 349 -5.96 4.05 9.65
CA VAL A 349 -4.77 3.48 9.02
C VAL A 349 -3.52 3.56 9.93
N ILE A 350 -3.48 4.56 10.82
CA ILE A 350 -2.44 4.64 11.86
C ILE A 350 -2.59 3.47 12.83
N ARG A 351 -3.82 3.22 13.29
CA ARG A 351 -4.11 2.11 14.21
C ARG A 351 -3.70 0.75 13.65
N VAL A 352 -3.98 0.52 12.37
CA VAL A 352 -3.64 -0.75 11.72
C VAL A 352 -2.12 -0.95 11.67
N LEU A 353 -1.40 0.09 11.26
CA LEU A 353 0.08 0.06 11.28
C LEU A 353 0.63 -0.12 12.70
N GLU A 354 -0.04 0.47 13.67
CA GLU A 354 0.30 0.31 15.10
C GLU A 354 0.09 -1.14 15.56
N GLU A 355 -1.05 -1.71 15.19
CA GLU A 355 -1.37 -3.11 15.52
C GLU A 355 -0.50 -4.13 14.76
N VAL A 356 -0.16 -3.82 13.51
CA VAL A 356 0.77 -4.63 12.72
C VAL A 356 2.16 -4.69 13.40
N GLU A 357 2.61 -3.56 13.94
CA GLU A 357 3.88 -3.48 14.67
C GLU A 357 3.86 -4.19 16.03
N ARG A 358 2.73 -4.11 16.74
CA ARG A 358 2.58 -4.80 18.03
C ARG A 358 2.51 -6.32 17.86
N VAL A 359 1.80 -6.79 16.84
CA VAL A 359 1.72 -8.23 16.53
C VAL A 359 3.11 -8.77 16.15
N ALA A 360 3.87 -8.01 15.36
CA ALA A 360 5.24 -8.39 14.99
C ALA A 360 6.18 -8.45 16.19
N ALA A 361 6.08 -7.47 17.09
CA ALA A 361 6.88 -7.44 18.31
C ALA A 361 6.56 -8.60 19.27
N GLU A 362 5.29 -8.99 19.32
CA GLU A 362 4.86 -10.15 20.11
C GLU A 362 5.40 -11.47 19.56
N LEU A 363 5.24 -11.67 18.25
CA LEU A 363 5.68 -12.90 17.57
C LEU A 363 7.20 -13.03 17.54
N GLN A 364 7.91 -11.92 17.31
CA GLN A 364 9.38 -11.89 17.41
C GLN A 364 9.86 -12.07 18.85
N GLY A 365 9.13 -11.45 19.79
CA GLY A 365 9.41 -11.60 21.22
C GLY A 365 9.19 -13.01 21.77
N ALA A 366 8.29 -13.76 21.15
CA ALA A 366 8.08 -15.18 21.46
C ALA A 366 8.93 -16.13 20.58
N GLY A 367 10.00 -15.60 19.97
CA GLY A 367 10.92 -16.37 19.14
C GLY A 367 10.32 -17.27 18.07
N GLU A 368 9.37 -16.73 17.30
CA GLU A 368 8.78 -17.48 16.18
C GLU A 368 9.78 -17.54 15.03
N GLU A 369 9.88 -18.71 14.39
CA GLU A 369 10.86 -18.95 13.34
C GLU A 369 10.44 -18.30 12.03
N CYS A 370 11.41 -17.69 11.35
CA CYS A 370 11.16 -16.99 10.07
C CYS A 370 11.14 -17.95 8.89
N LEU A 371 10.55 -17.49 7.80
CA LEU A 371 10.44 -18.26 6.56
C LEU A 371 11.71 -18.13 5.72
N CYS A 372 12.37 -19.26 5.47
CA CYS A 372 13.60 -19.30 4.67
C CYS A 372 13.33 -19.77 3.24
N ASP A 373 14.12 -19.26 2.30
CA ASP A 373 13.97 -19.57 0.87
C ASP A 373 14.47 -20.97 0.51
N GLU A 374 14.03 -21.46 -0.66
CA GLU A 374 14.55 -22.70 -1.23
C GLU A 374 15.90 -22.41 -1.90
N LEU A 375 16.97 -22.54 -1.12
CA LEU A 375 18.33 -22.28 -1.61
C LEU A 375 18.99 -23.57 -2.11
N ASP A 376 19.70 -23.45 -3.24
CA ASP A 376 20.43 -24.58 -3.83
C ASP A 376 21.66 -24.93 -3.00
N GLU A 377 22.04 -26.21 -3.05
CA GLU A 377 23.33 -26.65 -2.53
C GLU A 377 24.44 -26.10 -3.43
N VAL A 378 25.40 -25.41 -2.83
CA VAL A 378 26.55 -24.84 -3.57
C VAL A 378 27.81 -25.70 -3.48
N TRP A 379 28.03 -26.34 -2.33
CA TRP A 379 29.14 -27.26 -2.14
C TRP A 379 28.71 -28.72 -2.37
N ASN A 380 29.56 -29.47 -3.07
CA ASN A 380 29.42 -30.93 -3.18
C ASN A 380 29.95 -31.62 -1.91
N GLU A 381 29.77 -32.93 -1.82
CA GLU A 381 30.23 -33.71 -0.65
C GLU A 381 31.76 -33.77 -0.49
N ASP A 382 32.50 -33.57 -1.58
CA ASP A 382 33.97 -33.49 -1.52
C ASP A 382 34.43 -32.27 -0.73
N ILE A 383 33.86 -31.10 -1.04
CA ILE A 383 34.18 -29.84 -0.36
C ILE A 383 33.86 -29.91 1.14
N LYS A 384 32.71 -30.49 1.48
CA LYS A 384 32.28 -30.62 2.89
C LYS A 384 33.19 -31.53 3.72
N GLU A 385 33.71 -32.59 3.10
CA GLU A 385 34.66 -33.51 3.77
C GLU A 385 36.03 -32.86 4.02
N GLN A 386 36.49 -32.01 3.10
CA GLN A 386 37.73 -31.23 3.29
C GLN A 386 37.59 -30.25 4.45
N LEU A 387 36.42 -29.62 4.56
CA LEU A 387 36.13 -28.64 5.62
C LEU A 387 36.01 -29.27 7.01
N THR A 388 35.36 -30.42 7.11
CA THR A 388 35.23 -31.12 8.39
C THR A 388 36.57 -31.70 8.86
N ARG A 389 37.34 -32.29 7.94
CA ARG A 389 38.71 -32.74 8.24
C ARG A 389 39.60 -31.60 8.70
N GLU A 390 39.50 -30.45 8.02
CA GLU A 390 40.24 -29.24 8.37
C GLU A 390 39.87 -28.71 9.77
N ARG A 391 38.59 -28.78 10.13
CA ARG A 391 38.14 -28.35 11.46
C ARG A 391 38.71 -29.21 12.59
N GLU A 392 38.75 -30.52 12.37
CA GLU A 392 39.27 -31.46 13.38
C GLU A 392 40.78 -31.36 13.58
N ARG A 393 41.52 -30.97 12.52
CA ARG A 393 42.95 -30.66 12.66
C ARG A 393 43.19 -29.46 13.58
N VAL A 394 42.33 -28.45 13.47
CA VAL A 394 42.38 -27.26 14.35
C VAL A 394 41.99 -27.61 15.79
N ARG A 395 41.03 -28.52 15.95
CA ARG A 395 40.66 -29.04 17.28
C ARG A 395 41.81 -29.77 18.00
N LYS A 396 42.64 -30.49 17.24
CA LYS A 396 43.77 -31.23 17.81
C LYS A 396 45.01 -30.38 18.20
N LEU A 397 45.00 -29.09 17.88
CA LEU A 397 46.09 -28.19 18.30
C LEU A 397 45.99 -27.89 19.79
NI NI B . -3.44 -0.18 -8.37
NI NI C . -0.52 1.92 -8.18
CL CL D . -1.52 6.32 -17.06
#